data_1ODG
#
_entry.id   1ODG
#
_cell.length_a   102.805
_cell.length_b   102.805
_cell.length_c   64.290
_cell.angle_alpha   90.00
_cell.angle_beta   90.00
_cell.angle_gamma   120.00
#
_symmetry.space_group_name_H-M   'P 61'
#
loop_
_entity.id
_entity.type
_entity.pdbx_description
1 polymer 'DNA MISMATCH ENDONUCLEASE'
2 polymer "5'-D(*TP*AP*GP*GP*CP*5CM*TP*GP*GP*AP*TP*CP)-3'"
3 non-polymer 'ZINC ION'
4 water water
#
loop_
_entity_poly.entity_id
_entity_poly.type
_entity_poly.pdbx_seq_one_letter_code
_entity_poly.pdbx_strand_id
1 'polypeptide(L)'
;AIEKRLASLLTGQGLAFRVQDASLPGRPDFVVDEYRCVIFTHGCFWHHHHCYLFKVPATRTEFWLEKIGKNVERDRRDIS
RLQELGWRVLIVWECALRGREKLTDEALTERLEEWICGEGASAQIDTQGIHLLA
;
A
2 'polydeoxyribonucleotide' (DT)(DA)(DG)(DG)(DC)(5CM)(DT)(DG)(DG)(DA)(DT)(DC) F,W
#
loop_
_chem_comp.id
_chem_comp.type
_chem_comp.name
_chem_comp.formula
5CM DNA linking 5-METHYL-2'-DEOXY-CYTIDINE-5'-MONOPHOSPHATE 'C10 H16 N3 O7 P'
DA DNA linking 2'-DEOXYADENOSINE-5'-MONOPHOSPHATE 'C10 H14 N5 O6 P'
DC DNA linking 2'-DEOXYCYTIDINE-5'-MONOPHOSPHATE 'C9 H14 N3 O7 P'
DG DNA linking 2'-DEOXYGUANOSINE-5'-MONOPHOSPHATE 'C10 H14 N5 O7 P'
DT DNA linking THYMIDINE-5'-MONOPHOSPHATE 'C10 H15 N2 O8 P'
ZN non-polymer 'ZINC ION' 'Zn 2'
#
# COMPACT_ATOMS: atom_id res chain seq x y z
N ALA A 1 -12.56 5.17 -0.73
CA ALA A 1 -12.29 6.63 -0.82
C ALA A 1 -11.16 6.86 -1.81
N ILE A 2 -10.24 5.89 -1.83
CA ILE A 2 -9.08 5.91 -2.71
C ILE A 2 -8.87 4.42 -2.83
N GLU A 3 -9.41 3.71 -1.85
CA GLU A 3 -9.34 2.27 -1.79
C GLU A 3 -10.12 1.78 -2.99
N LYS A 4 -11.20 2.48 -3.29
CA LYS A 4 -12.03 2.11 -4.42
C LYS A 4 -11.25 2.22 -5.73
N ARG A 5 -10.82 3.44 -6.08
CA ARG A 5 -10.06 3.66 -7.32
C ARG A 5 -9.23 2.42 -7.64
N LEU A 6 -8.66 1.82 -6.62
CA LEU A 6 -7.84 0.62 -6.79
C LEU A 6 -8.70 -0.64 -6.75
N ALA A 7 -9.65 -0.67 -5.81
CA ALA A 7 -10.55 -1.81 -5.65
C ALA A 7 -11.32 -2.12 -6.93
N SER A 8 -11.71 -1.06 -7.64
CA SER A 8 -12.47 -1.19 -8.88
C SER A 8 -11.75 -2.03 -9.93
N LEU A 9 -10.43 -1.98 -9.92
CA LEU A 9 -9.62 -2.72 -10.86
C LEU A 9 -9.51 -4.19 -10.47
N LEU A 10 -9.46 -4.44 -9.16
CA LEU A 10 -9.35 -5.81 -8.64
C LEU A 10 -10.34 -6.76 -9.29
N THR A 11 -11.63 -6.52 -9.04
CA THR A 11 -12.67 -7.35 -9.60
C THR A 11 -12.60 -7.24 -11.12
N GLY A 12 -12.01 -6.14 -11.59
CA GLY A 12 -11.85 -5.93 -13.02
C GLY A 12 -11.10 -7.10 -13.64
N GLN A 13 -10.34 -7.80 -12.81
CA GLN A 13 -9.57 -8.95 -13.25
C GLN A 13 -10.11 -10.16 -12.51
N GLY A 14 -11.33 -10.02 -11.97
CA GLY A 14 -11.98 -11.09 -11.24
C GLY A 14 -11.39 -11.34 -9.86
N LEU A 15 -10.06 -11.38 -9.82
CA LEU A 15 -9.28 -11.61 -8.60
C LEU A 15 -10.09 -11.70 -7.32
N ALA A 16 -10.03 -12.86 -6.69
CA ALA A 16 -10.75 -13.13 -5.45
C ALA A 16 -10.09 -12.37 -4.30
N PHE A 17 -10.82 -11.41 -3.73
CA PHE A 17 -10.26 -10.63 -2.63
C PHE A 17 -11.26 -10.27 -1.55
N ARG A 18 -10.78 -10.30 -0.31
CA ARG A 18 -11.62 -9.94 0.82
C ARG A 18 -11.24 -8.50 1.16
N VAL A 19 -11.84 -7.93 2.19
CA VAL A 19 -11.53 -6.56 2.53
C VAL A 19 -11.27 -6.30 4.00
N GLN A 20 -10.44 -5.29 4.24
CA GLN A 20 -10.07 -4.84 5.57
C GLN A 20 -10.32 -5.89 6.65
N ASP A 21 -9.33 -6.76 6.85
CA ASP A 21 -9.44 -7.82 7.84
C ASP A 21 -8.64 -7.46 9.09
N ALA A 22 -9.29 -7.53 10.24
CA ALA A 22 -8.64 -7.22 11.50
C ALA A 22 -8.00 -8.46 12.11
N SER A 23 -7.87 -9.52 11.32
CA SER A 23 -7.27 -10.75 11.83
C SER A 23 -5.85 -10.84 11.28
N LEU A 24 -5.51 -9.90 10.40
CA LEU A 24 -4.19 -9.84 9.82
C LEU A 24 -3.53 -8.54 10.25
N PRO A 25 -2.25 -8.59 10.61
CA PRO A 25 -1.54 -7.39 11.06
C PRO A 25 -1.73 -6.24 10.09
N GLY A 26 -1.58 -5.02 10.60
CA GLY A 26 -1.74 -3.85 9.77
C GLY A 26 -3.09 -3.81 9.08
N ARG A 27 -3.99 -4.68 9.53
CA ARG A 27 -5.32 -4.78 8.95
C ARG A 27 -5.30 -4.32 7.51
N PRO A 28 -4.81 -5.18 6.61
CA PRO A 28 -4.71 -4.89 5.18
C PRO A 28 -6.01 -4.29 4.71
N ASP A 29 -6.00 -3.78 3.50
CA ASP A 29 -7.22 -3.21 2.96
C ASP A 29 -7.79 -4.24 1.99
N PHE A 30 -6.91 -4.82 1.18
CA PHE A 30 -7.31 -5.84 0.23
C PHE A 30 -6.56 -7.12 0.54
N VAL A 31 -7.30 -8.21 0.66
CA VAL A 31 -6.69 -9.50 0.95
C VAL A 31 -7.00 -10.43 -0.21
N VAL A 32 -5.97 -11.05 -0.77
CA VAL A 32 -6.16 -11.95 -1.89
C VAL A 32 -5.65 -13.34 -1.55
N ASP A 33 -6.55 -14.33 -1.57
CA ASP A 33 -6.18 -15.72 -1.28
C ASP A 33 -5.69 -16.36 -2.56
N GLU A 34 -6.07 -15.74 -3.67
CA GLU A 34 -5.69 -16.23 -4.99
C GLU A 34 -4.18 -16.23 -5.21
N TYR A 35 -3.44 -15.71 -4.24
CA TYR A 35 -1.99 -15.66 -4.33
C TYR A 35 -1.32 -15.60 -2.97
N ARG A 36 -2.11 -15.59 -1.91
CA ARG A 36 -1.59 -15.55 -0.56
C ARG A 36 -0.88 -14.22 -0.29
N CYS A 37 -1.50 -13.14 -0.74
CA CYS A 37 -0.94 -11.80 -0.55
C CYS A 37 -1.99 -10.76 -0.14
N VAL A 38 -1.52 -9.69 0.48
CA VAL A 38 -2.38 -8.61 0.94
C VAL A 38 -1.85 -7.28 0.43
N ILE A 39 -2.75 -6.35 0.14
CA ILE A 39 -2.36 -5.04 -0.36
C ILE A 39 -2.66 -3.96 0.68
N PHE A 40 -2.00 -2.82 0.55
CA PHE A 40 -2.22 -1.71 1.45
C PHE A 40 -2.31 -0.41 0.66
N THR A 41 -3.26 0.43 1.08
CA THR A 41 -3.46 1.73 0.44
C THR A 41 -3.20 2.77 1.53
N HIS A 42 -1.91 2.99 1.81
CA HIS A 42 -1.50 3.93 2.85
C HIS A 42 -1.52 5.37 2.39
N GLY A 43 -2.08 6.24 3.23
CA GLY A 43 -2.10 7.65 2.89
C GLY A 43 -0.68 8.14 2.98
N CYS A 44 -0.23 8.98 2.04
CA CYS A 44 1.15 9.43 2.10
C CYS A 44 1.60 10.19 3.37
N PHE A 45 0.68 10.80 4.10
CA PHE A 45 1.05 11.57 5.30
C PHE A 45 1.30 10.78 6.58
N TRP A 46 0.30 10.01 6.98
CA TRP A 46 0.40 9.23 8.20
C TRP A 46 1.60 8.30 8.17
N HIS A 47 2.03 7.87 6.98
CA HIS A 47 3.16 6.95 6.89
C HIS A 47 4.43 7.46 6.29
N HIS A 48 4.64 8.76 6.42
CA HIS A 48 5.86 9.35 5.93
C HIS A 48 6.40 8.83 4.61
N HIS A 49 5.68 9.07 3.53
CA HIS A 49 6.16 8.65 2.19
C HIS A 49 7.01 9.78 1.71
N HIS A 50 8.22 9.49 1.26
CA HIS A 50 9.07 10.57 0.78
C HIS A 50 8.55 10.98 -0.58
N CYS A 51 7.31 11.43 -0.63
CA CYS A 51 6.69 11.83 -1.87
C CYS A 51 6.19 13.27 -1.67
N TYR A 52 5.76 13.92 -2.76
CA TYR A 52 5.31 15.33 -2.74
C TYR A 52 4.18 15.66 -1.77
N LEU A 53 3.35 14.68 -1.43
CA LEU A 53 2.23 14.91 -0.53
C LEU A 53 2.64 14.92 0.94
N PHE A 54 3.91 14.73 1.23
CA PHE A 54 4.32 14.76 2.61
C PHE A 54 4.87 16.10 3.01
N LYS A 55 4.24 16.71 4.00
CA LYS A 55 4.64 18.01 4.54
C LYS A 55 4.60 18.03 6.08
N VAL A 56 5.75 18.24 6.70
CA VAL A 56 5.74 18.32 8.14
C VAL A 56 4.89 19.51 8.55
N PRO A 57 3.91 19.28 9.43
CA PRO A 57 3.06 20.39 9.86
C PRO A 57 3.92 21.45 10.57
N ALA A 58 3.45 22.69 10.62
CA ALA A 58 4.22 23.77 11.26
C ALA A 58 3.70 24.02 12.66
N THR A 59 2.83 23.15 13.12
CA THR A 59 2.28 23.30 14.44
C THR A 59 2.57 21.99 15.14
N ARG A 60 2.91 22.06 16.41
CA ARG A 60 3.19 20.85 17.16
C ARG A 60 4.05 19.86 16.33
N THR A 61 4.98 20.41 15.55
CA THR A 61 5.87 19.60 14.71
C THR A 61 6.30 18.32 15.44
N GLU A 62 6.99 18.48 16.56
CA GLU A 62 7.47 17.33 17.31
C GLU A 62 6.39 16.30 17.64
N PHE A 63 5.17 16.77 17.88
CA PHE A 63 4.08 15.85 18.18
C PHE A 63 3.67 15.07 16.93
N TRP A 64 3.81 15.66 15.76
CA TRP A 64 3.42 14.94 14.57
C TRP A 64 4.54 14.05 14.05
N LEU A 65 5.78 14.53 14.13
CA LEU A 65 6.88 13.74 13.66
C LEU A 65 7.05 12.49 14.48
N GLU A 66 6.80 12.59 15.79
CA GLU A 66 6.94 11.41 16.62
C GLU A 66 5.76 10.46 16.42
N LYS A 67 4.57 11.02 16.28
CA LYS A 67 3.40 10.18 16.05
C LYS A 67 3.57 9.45 14.72
N ILE A 68 4.09 10.14 13.71
CA ILE A 68 4.28 9.51 12.41
C ILE A 68 5.32 8.43 12.53
N GLY A 69 6.46 8.77 13.10
CA GLY A 69 7.50 7.76 13.26
C GLY A 69 6.94 6.47 13.82
N LYS A 70 6.15 6.53 14.88
CA LYS A 70 5.61 5.31 15.44
C LYS A 70 4.77 4.54 14.44
N ASN A 71 4.22 5.25 13.46
CA ASN A 71 3.41 4.61 12.42
C ASN A 71 4.33 3.77 11.52
N VAL A 72 5.39 4.40 11.02
CA VAL A 72 6.34 3.69 10.17
C VAL A 72 6.74 2.45 10.92
N GLU A 73 7.14 2.65 12.17
CA GLU A 73 7.54 1.57 13.08
C GLU A 73 6.48 0.47 13.12
N ARG A 74 5.21 0.88 13.23
CA ARG A 74 4.14 -0.10 13.24
C ARG A 74 4.00 -0.83 11.91
N ASP A 75 4.23 -0.13 10.80
CA ASP A 75 4.14 -0.77 9.49
C ASP A 75 5.23 -1.82 9.39
N ARG A 76 6.47 -1.41 9.66
CA ARG A 76 7.60 -2.32 9.62
C ARG A 76 7.21 -3.60 10.32
N ARG A 77 6.82 -3.48 11.59
CA ARG A 77 6.40 -4.62 12.38
C ARG A 77 5.32 -5.37 11.63
N ASP A 78 4.22 -4.69 11.32
CA ASP A 78 3.12 -5.33 10.61
C ASP A 78 3.59 -6.15 9.43
N ILE A 79 4.25 -5.50 8.48
CA ILE A 79 4.72 -6.21 7.31
C ILE A 79 5.45 -7.46 7.73
N SER A 80 6.44 -7.30 8.61
CA SER A 80 7.27 -8.41 9.09
C SER A 80 6.48 -9.62 9.57
N ARG A 81 5.37 -9.40 10.28
CA ARG A 81 4.56 -10.50 10.76
C ARG A 81 3.92 -11.15 9.58
N LEU A 82 3.26 -10.35 8.76
CA LEU A 82 2.61 -10.85 7.57
C LEU A 82 3.58 -11.76 6.82
N GLN A 83 4.74 -11.23 6.52
CA GLN A 83 5.73 -12.02 5.80
C GLN A 83 5.98 -13.33 6.55
N GLU A 84 5.96 -13.27 7.87
CA GLU A 84 6.17 -14.44 8.69
C GLU A 84 5.10 -15.47 8.46
N LEU A 85 3.88 -15.01 8.25
CA LEU A 85 2.76 -15.90 8.04
C LEU A 85 2.59 -16.27 6.59
N GLY A 86 3.69 -16.30 5.85
CA GLY A 86 3.62 -16.64 4.44
C GLY A 86 2.79 -15.73 3.55
N TRP A 87 2.74 -14.45 3.87
CA TRP A 87 1.97 -13.50 3.06
C TRP A 87 2.87 -12.59 2.25
N ARG A 88 2.46 -12.25 1.04
CA ARG A 88 3.23 -11.33 0.22
C ARG A 88 2.56 -9.98 0.36
N VAL A 89 3.35 -8.95 0.65
CA VAL A 89 2.78 -7.62 0.85
C VAL A 89 3.09 -6.62 -0.25
N LEU A 90 2.08 -5.83 -0.59
CA LEU A 90 2.24 -4.82 -1.61
C LEU A 90 1.67 -3.52 -1.09
N ILE A 91 2.43 -2.44 -1.25
CA ILE A 91 1.91 -1.16 -0.79
C ILE A 91 1.74 -0.26 -2.00
N VAL A 92 0.57 0.35 -2.08
CA VAL A 92 0.25 1.27 -3.15
C VAL A 92 -0.06 2.54 -2.40
N TRP A 93 0.80 3.53 -2.59
CA TRP A 93 0.67 4.82 -1.91
C TRP A 93 -0.40 5.63 -2.60
N GLU A 94 -0.95 6.62 -1.92
CA GLU A 94 -1.98 7.43 -2.57
C GLU A 94 -1.38 8.31 -3.65
N CYS A 95 -0.20 8.88 -3.41
CA CYS A 95 0.42 9.76 -4.39
C CYS A 95 0.39 9.15 -5.80
N ALA A 96 0.18 7.84 -5.87
CA ALA A 96 0.12 7.17 -7.15
C ALA A 96 -1.27 6.62 -7.43
N LEU A 97 -2.30 7.20 -6.82
CA LEU A 97 -3.66 6.75 -7.05
C LEU A 97 -4.65 7.90 -6.95
N ARG A 98 -4.13 9.08 -6.66
CA ARG A 98 -4.87 10.32 -6.51
C ARG A 98 -3.81 11.42 -6.57
N GLY A 99 -4.13 12.57 -7.17
CA GLY A 99 -3.15 13.64 -7.26
C GLY A 99 -2.51 13.87 -8.62
N ARG A 100 -1.76 14.97 -8.73
CA ARG A 100 -1.09 15.38 -9.97
C ARG A 100 0.17 14.59 -10.35
N GLU A 101 0.10 13.27 -10.30
CA GLU A 101 1.23 12.45 -10.69
C GLU A 101 0.73 11.01 -10.65
N LYS A 102 -0.51 10.87 -10.22
CA LYS A 102 -1.16 9.59 -10.11
C LYS A 102 -1.05 8.76 -11.37
N LEU A 103 -0.61 7.52 -11.23
CA LEU A 103 -0.46 6.61 -12.35
C LEU A 103 -1.70 6.55 -13.23
N THR A 104 -1.49 6.64 -14.53
CA THR A 104 -2.59 6.56 -15.49
C THR A 104 -3.26 5.25 -15.15
N ASP A 105 -4.59 5.23 -15.10
CA ASP A 105 -5.31 4.01 -14.74
C ASP A 105 -4.77 2.78 -15.46
N GLU A 106 -3.97 2.98 -16.50
CA GLU A 106 -3.40 1.86 -17.23
C GLU A 106 -2.25 1.25 -16.42
N ALA A 107 -1.15 1.99 -16.32
CA ALA A 107 0.05 1.56 -15.61
C ALA A 107 -0.18 0.70 -14.38
N LEU A 108 -1.25 0.97 -13.65
CA LEU A 108 -1.55 0.21 -12.45
C LEU A 108 -1.84 -1.25 -12.75
N THR A 109 -2.99 -1.52 -13.37
CA THR A 109 -3.38 -2.88 -13.74
C THR A 109 -2.15 -3.57 -14.31
N GLU A 110 -1.51 -2.84 -15.22
CA GLU A 110 -0.32 -3.29 -15.93
C GLU A 110 0.83 -3.64 -14.98
N ARG A 111 0.85 -2.97 -13.83
CA ARG A 111 1.89 -3.20 -12.83
C ARG A 111 1.34 -4.18 -11.78
N LEU A 112 0.07 -4.03 -11.43
CA LEU A 112 -0.55 -4.93 -10.47
C LEU A 112 -0.51 -6.35 -11.03
N GLU A 113 -0.71 -6.47 -12.33
CA GLU A 113 -0.71 -7.76 -13.01
C GLU A 113 0.63 -8.48 -12.83
N GLU A 114 1.69 -7.88 -13.36
CA GLU A 114 3.02 -8.45 -13.27
C GLU A 114 3.34 -8.85 -11.83
N TRP A 115 2.64 -8.24 -10.88
CA TRP A 115 2.85 -8.55 -9.47
C TRP A 115 1.87 -9.64 -9.04
N ILE A 116 0.79 -9.22 -8.38
CA ILE A 116 -0.25 -10.12 -7.90
C ILE A 116 -0.08 -11.57 -8.36
N CYS A 117 -0.17 -11.77 -9.66
CA CYS A 117 -0.07 -13.10 -10.22
C CYS A 117 1.34 -13.64 -10.45
N GLY A 118 2.08 -12.97 -11.32
CA GLY A 118 3.43 -13.41 -11.66
C GLY A 118 4.48 -13.44 -10.55
N GLU A 119 4.04 -13.70 -9.32
CA GLU A 119 4.95 -13.77 -8.19
C GLU A 119 5.93 -12.60 -8.09
N GLY A 120 6.69 -12.58 -7.00
CA GLY A 120 7.66 -11.52 -6.80
C GLY A 120 7.71 -11.01 -5.37
N ALA A 121 8.92 -10.65 -4.93
CA ALA A 121 9.15 -10.15 -3.59
C ALA A 121 8.20 -9.00 -3.29
N SER A 122 7.86 -8.83 -2.02
CA SER A 122 6.98 -7.76 -1.61
C SER A 122 7.52 -6.45 -2.16
N ALA A 123 6.61 -5.53 -2.47
CA ALA A 123 7.05 -4.27 -3.02
C ALA A 123 6.02 -3.20 -2.87
N GLN A 124 6.41 -2.00 -3.26
CA GLN A 124 5.51 -0.88 -3.16
C GLN A 124 5.37 -0.17 -4.49
N ILE A 125 4.15 0.32 -4.73
CA ILE A 125 3.82 1.02 -5.95
C ILE A 125 3.62 2.49 -5.72
N ASP A 126 4.48 3.31 -6.32
CA ASP A 126 4.37 4.74 -6.19
C ASP A 126 4.17 5.43 -7.53
N THR A 127 4.11 6.75 -7.47
CA THR A 127 3.90 7.55 -8.64
C THR A 127 4.95 7.35 -9.72
N GLN A 128 6.12 6.82 -9.38
CA GLN A 128 7.14 6.62 -10.42
C GLN A 128 7.51 5.16 -10.62
N GLY A 129 6.53 4.28 -10.42
CA GLY A 129 6.77 2.87 -10.61
C GLY A 129 6.49 1.94 -9.45
N ILE A 130 7.17 0.80 -9.44
CA ILE A 130 7.01 -0.17 -8.39
C ILE A 130 8.38 -0.74 -8.13
N HIS A 131 8.74 -0.79 -6.84
CA HIS A 131 10.04 -1.30 -6.42
C HIS A 131 9.95 -2.24 -5.22
N LEU A 132 11.05 -2.93 -4.95
CA LEU A 132 11.10 -3.85 -3.82
C LEU A 132 10.68 -3.15 -2.55
N LEU A 133 10.02 -3.88 -1.66
CA LEU A 133 9.58 -3.28 -0.43
C LEU A 133 10.81 -3.03 0.42
N ALA A 134 11.03 -1.77 0.71
CA ALA A 134 12.17 -1.32 1.49
C ALA A 134 12.37 0.19 1.28
N1 5CM B 6 -5.59 21.29 8.21
C2 5CM B 6 -6.62 20.40 8.37
N3 5CM B 6 -6.58 19.29 7.57
C4 5CM B 6 -5.62 19.01 6.62
C5 5CM B 6 -4.57 19.98 6.47
C5A 5CM B 6 -3.48 19.74 5.47
C6 5CM B 6 -4.61 21.07 7.26
O2 5CM B 6 -7.51 20.59 9.19
N4 5CM B 6 -5.68 17.89 5.89
C1' 5CM B 6 -5.57 22.46 9.12
C2' 5CM B 6 -4.23 22.87 9.70
C3' 5CM B 6 -4.44 24.35 9.96
C4' 5CM B 6 -5.33 24.77 8.80
O4' 5CM B 6 -6.10 23.59 8.45
O3' 5CM B 6 -5.08 24.61 11.23
C5' 5CM B 6 -4.52 25.23 7.61
O5' 5CM B 6 -3.23 24.59 7.59
P 5CM B 6 -2.00 25.33 6.89
OP1 5CM B 6 -1.87 26.66 7.50
OP2 5CM B 6 -0.82 24.40 6.88
N1 5CM C 6 -12.73 25.40 0.27
C2 5CM C 6 -11.80 24.65 -0.40
N3 5CM C 6 -12.08 23.32 -0.47
C4 5CM C 6 -13.17 22.69 0.08
C5 5CM C 6 -14.09 23.51 0.80
C5A 5CM C 6 -15.30 22.89 1.43
C6 5CM C 6 -13.81 24.82 0.88
O2 5CM C 6 -10.79 25.13 -0.92
N4 5CM C 6 -13.34 21.38 -0.08
C1' 5CM C 6 -12.58 26.87 0.29
C2' 5CM C 6 -13.90 27.65 0.30
C3' 5CM C 6 -13.50 28.94 0.97
C4' 5CM C 6 -12.47 28.47 2.02
O4' 5CM C 6 -11.86 27.27 1.45
O3' 5CM C 6 -12.91 29.88 0.04
C5' 5CM C 6 -13.13 28.12 3.33
O5' 5CM C 6 -14.45 27.62 3.12
P 5CM C 6 -15.63 28.01 4.12
OP1 5CM C 6 -15.56 29.48 4.34
OP2 5CM C 6 -16.89 27.39 3.64
ZN ZN D . 3.61 9.33 -1.67
#